data_6R4A
#
_entry.id   6R4A
#
_cell.length_a   81.370
_cell.length_b   81.370
_cell.length_c   175.959
_cell.angle_alpha   90.00
_cell.angle_beta   90.00
_cell.angle_gamma   120.00
#
_symmetry.space_group_name_H-M   'P 61 2 2'
#
loop_
_entity.id
_entity.type
_entity.pdbx_description
1 polymer 'Aurora kinase A'
2 non-polymer "ADENOSINE-5'-DIPHOSPHATE"
3 non-polymer GLYCEROL
4 non-polymer 'MAGNESIUM ION'
5 non-polymer 'CHLORIDE ION'
6 non-polymer 2-(benzimidazol-1-yl)-~{N}-(2-phenylethyl)ethanamide
7 water water
#
_entity_poly.entity_id   1
_entity_poly.type   'polypeptide(L)'
_entity_poly.pdbx_seq_one_letter_code
;GAMESKKRQWALEDFEIGRPLGKGKFGNVYLAREKQSKFILALKVLFKAQLEKAGVEHQLRREVEIQSHLRHPNILRLYG
YFHDATRVYLILEYAPLGTVYRELQKLSKFDEQRTATYITELANALSYCHSKRVIHRDIKPENLLLGSAGELKIADFGWS
VHAPSSRRT(TPO)LAGTLDYLPPEMIEGRMHDEKVDLWSLGVLCYEFLVGKPPFEANTYQETYKRISRVEFTFPDFVTE
GARDLISRLLKHNPSQRPMLREVLEHPWITANSSKPSNAQNKESASKQS
;
_entity_poly.pdbx_strand_id   A
#
loop_
_chem_comp.id
_chem_comp.type
_chem_comp.name
_chem_comp.formula
ADP non-polymer ADENOSINE-5'-DIPHOSPHATE 'C10 H15 N5 O10 P2'
CL non-polymer 'CHLORIDE ION' 'Cl -1'
GOL non-polymer GLYCEROL 'C3 H8 O3'
JRT non-polymer 2-(benzimidazol-1-yl)-~{N}-(2-phenylethyl)ethanamide 'C17 H17 N3 O'
MG non-polymer 'MAGNESIUM ION' 'Mg 2'
#
# COMPACT_ATOMS: atom_id res chain seq x y z
N GLN A 9 -14.02 -24.17 -11.70
CA GLN A 9 -14.41 -23.18 -12.71
C GLN A 9 -13.20 -22.82 -13.58
N TRP A 10 -12.61 -21.65 -13.36
CA TRP A 10 -11.50 -21.18 -14.20
C TRP A 10 -10.30 -22.13 -14.19
N ALA A 11 -9.57 -22.15 -15.31
CA ALA A 11 -8.31 -22.89 -15.43
C ALA A 11 -7.32 -22.08 -16.25
N LEU A 12 -6.04 -22.45 -16.21
CA LEU A 12 -5.01 -21.70 -16.93
C LEU A 12 -5.32 -21.64 -18.43
N GLU A 13 -5.87 -22.73 -18.98
CA GLU A 13 -6.23 -22.82 -20.40
C GLU A 13 -7.22 -21.74 -20.84
N ASP A 14 -7.83 -21.07 -19.86
CA ASP A 14 -8.82 -20.06 -20.18
C ASP A 14 -8.20 -18.71 -20.54
N PHE A 15 -6.88 -18.57 -20.36
CA PHE A 15 -6.20 -17.27 -20.52
C PHE A 15 -5.00 -17.32 -21.46
N GLU A 16 -4.78 -16.23 -22.18
CA GLU A 16 -3.53 -16.03 -22.90
C GLU A 16 -2.65 -15.09 -22.09
N ILE A 17 -1.43 -15.52 -21.77
CA ILE A 17 -0.53 -14.75 -20.91
C ILE A 17 0.35 -13.85 -21.77
N GLY A 18 0.69 -12.68 -21.22
CA GLY A 18 1.46 -11.68 -21.94
C GLY A 18 2.59 -11.12 -21.08
N ARG A 19 2.89 -9.85 -21.23
CA ARG A 19 4.15 -9.38 -20.67
C ARG A 19 4.14 -9.26 -19.13
N PRO A 20 5.31 -9.47 -18.55
CA PRO A 20 5.42 -9.40 -17.08
C PRO A 20 5.16 -7.97 -16.59
N LEU A 21 4.28 -7.83 -15.59
CA LEU A 21 3.95 -6.53 -15.01
C LEU A 21 4.80 -6.18 -13.80
N GLY A 22 5.21 -7.19 -13.04
CA GLY A 22 6.05 -6.96 -11.88
C GLY A 22 6.33 -8.22 -11.08
N LYS A 23 7.29 -8.14 -10.16
CA LYS A 23 7.59 -9.27 -9.29
C LYS A 23 7.57 -8.83 -7.82
N GLY A 24 6.85 -9.58 -6.99
CA GLY A 24 6.90 -9.33 -5.56
C GLY A 24 7.73 -10.40 -4.88
N LYS A 25 7.66 -10.47 -3.56
CA LYS A 25 8.32 -11.53 -2.82
C LYS A 25 7.76 -12.90 -3.22
N PHE A 26 6.43 -12.97 -3.32
CA PHE A 26 5.75 -14.20 -3.69
C PHE A 26 5.01 -14.09 -5.03
N GLY A 27 4.58 -12.88 -5.38
CA GLY A 27 3.78 -12.69 -6.59
C GLY A 27 4.56 -12.46 -7.89
N ASN A 28 4.26 -13.25 -8.89
CA ASN A 28 4.73 -12.98 -10.24
C ASN A 28 3.54 -12.58 -11.08
N VAL A 29 3.45 -11.30 -11.44
CA VAL A 29 2.22 -10.77 -12.03
C VAL A 29 2.36 -10.52 -13.56
N TYR A 30 1.40 -11.02 -14.33
CA TYR A 30 1.44 -10.94 -15.79
C TYR A 30 0.18 -10.30 -16.36
N LEU A 31 0.32 -9.54 -17.44
CA LEU A 31 -0.84 -9.16 -18.25
C LEU A 31 -1.44 -10.44 -18.87
N ALA A 32 -2.78 -10.52 -18.90
CA ALA A 32 -3.46 -11.68 -19.49
C ALA A 32 -4.78 -11.29 -20.15
N ARG A 33 -5.23 -12.11 -21.10
CA ARG A 33 -6.52 -11.89 -21.76
C ARG A 33 -7.39 -13.16 -21.64
N GLU A 34 -8.62 -13.01 -21.17
CA GLU A 34 -9.54 -14.15 -21.12
C GLU A 34 -10.02 -14.48 -22.52
N LYS A 35 -9.93 -15.75 -22.90
CA LYS A 35 -10.10 -16.13 -24.32
C LYS A 35 -11.50 -15.88 -24.90
N GLN A 36 -12.55 -16.26 -24.18
CA GLN A 36 -13.89 -16.19 -24.74
C GLN A 36 -14.43 -14.75 -24.81
N SER A 37 -14.01 -13.90 -23.86
CA SER A 37 -14.54 -12.54 -23.78
C SER A 37 -13.56 -11.46 -24.26
N LYS A 38 -12.28 -11.82 -24.37
CA LYS A 38 -11.19 -10.88 -24.65
C LYS A 38 -10.97 -9.86 -23.51
N PHE A 39 -11.43 -10.19 -22.32
CA PHE A 39 -11.29 -9.27 -21.19
C PHE A 39 -9.84 -9.20 -20.72
N ILE A 40 -9.27 -8.00 -20.64
CA ILE A 40 -7.88 -7.89 -20.19
C ILE A 40 -7.79 -7.69 -18.68
N LEU A 41 -6.79 -8.33 -18.07
CA LEU A 41 -6.68 -8.36 -16.61
C LEU A 41 -5.23 -8.63 -16.21
N ALA A 42 -4.98 -8.60 -14.90
CA ALA A 42 -3.67 -8.92 -14.36
C ALA A 42 -3.76 -10.24 -13.61
N LEU A 43 -2.91 -11.19 -13.98
CA LEU A 43 -2.89 -12.52 -13.36
C LEU A 43 -1.72 -12.62 -12.38
N LYS A 44 -2.02 -12.77 -11.08
CA LYS A 44 -0.98 -12.84 -10.06
C LYS A 44 -0.67 -14.30 -9.71
N VAL A 45 0.53 -14.76 -10.05
CA VAL A 45 0.87 -16.17 -9.91
C VAL A 45 1.76 -16.45 -8.69
N LEU A 46 1.35 -17.41 -7.87
CA LEU A 46 2.11 -17.76 -6.68
C LEU A 46 2.48 -19.26 -6.69
N PHE A 47 3.68 -19.59 -6.23
CA PHE A 47 4.08 -20.99 -6.22
C PHE A 47 3.76 -21.66 -4.90
N LYS A 48 2.99 -22.76 -4.95
CA LYS A 48 2.54 -23.43 -3.74
C LYS A 48 3.72 -23.91 -2.91
N ALA A 49 4.80 -24.34 -3.55
CA ALA A 49 5.98 -24.77 -2.79
C ALA A 49 6.51 -23.64 -1.92
N GLN A 50 6.55 -22.45 -2.49
CA GLN A 50 7.05 -21.29 -1.77
C GLN A 50 6.10 -20.83 -0.67
N LEU A 51 4.80 -20.83 -0.95
CA LEU A 51 3.80 -20.50 0.08
C LEU A 51 3.89 -21.45 1.29
N GLU A 52 4.06 -22.73 0.98
CA GLU A 52 4.13 -23.78 1.98
C GLU A 52 5.37 -23.66 2.87
N LYS A 53 6.51 -23.41 2.26
CA LYS A 53 7.76 -23.24 3.00
C LYS A 53 7.74 -22.04 3.92
N ALA A 54 7.24 -20.91 3.43
CA ALA A 54 7.14 -19.70 4.26
C ALA A 54 5.96 -19.76 5.24
N GLY A 55 5.02 -20.66 4.98
CA GLY A 55 3.82 -20.76 5.79
C GLY A 55 2.93 -19.53 5.71
N VAL A 56 2.63 -19.06 4.49
CA VAL A 56 1.84 -17.84 4.36
C VAL A 56 0.55 -18.03 3.55
N GLU A 57 0.01 -19.25 3.52
CA GLU A 57 -1.28 -19.48 2.88
C GLU A 57 -2.37 -18.58 3.47
N HIS A 58 -2.32 -18.34 4.78
CA HIS A 58 -3.34 -17.55 5.47
C HIS A 58 -3.37 -16.10 4.95
N GLN A 59 -2.20 -15.60 4.55
CA GLN A 59 -2.13 -14.24 4.02
C GLN A 59 -2.80 -14.16 2.65
N LEU A 60 -2.59 -15.19 1.83
CA LEU A 60 -3.20 -15.22 0.51
C LEU A 60 -4.72 -15.31 0.66
N ARG A 61 -5.19 -16.04 1.67
CA ARG A 61 -6.64 -16.13 1.92
C ARG A 61 -7.24 -14.79 2.37
N ARG A 62 -6.53 -14.08 3.24
CA ARG A 62 -7.02 -12.75 3.67
C ARG A 62 -7.14 -11.81 2.48
N GLU A 63 -6.13 -11.85 1.62
CA GLU A 63 -6.12 -11.03 0.41
C GLU A 63 -7.36 -11.28 -0.45
N VAL A 64 -7.65 -12.55 -0.71
CA VAL A 64 -8.84 -12.91 -1.49
C VAL A 64 -10.15 -12.46 -0.82
N GLU A 65 -10.32 -12.75 0.47
CA GLU A 65 -11.56 -12.39 1.16
C GLU A 65 -11.80 -10.88 1.23
N ILE A 66 -10.75 -10.11 1.52
CA ILE A 66 -10.87 -8.67 1.71
C ILE A 66 -11.06 -7.92 0.39
N GLN A 67 -10.19 -8.18 -0.57
CA GLN A 67 -10.23 -7.41 -1.83
C GLN A 67 -11.38 -7.81 -2.75
N SER A 68 -12.00 -8.96 -2.51
CA SER A 68 -13.12 -9.36 -3.35
C SER A 68 -14.42 -8.76 -2.84
N HIS A 69 -14.44 -8.37 -1.56
CA HIS A 69 -15.66 -7.83 -0.97
C HIS A 69 -15.69 -6.29 -1.01
N LEU A 70 -14.54 -5.67 -0.80
CA LEU A 70 -14.41 -4.21 -0.90
C LEU A 70 -14.81 -3.67 -2.28
N ARG A 71 -15.50 -2.53 -2.30
CA ARG A 71 -15.81 -1.85 -3.56
C ARG A 71 -15.63 -0.34 -3.40
N HIS A 72 -14.53 0.19 -3.93
CA HIS A 72 -14.20 1.61 -3.80
C HIS A 72 -13.29 1.97 -4.96
N PRO A 73 -13.51 3.17 -5.56
CA PRO A 73 -12.75 3.59 -6.74
C PRO A 73 -11.24 3.62 -6.51
N ASN A 74 -10.80 3.77 -5.25
CA ASN A 74 -9.38 3.82 -4.96
C ASN A 74 -8.80 2.55 -4.28
N ILE A 75 -9.45 1.42 -4.50
CA ILE A 75 -8.97 0.13 -4.02
C ILE A 75 -9.03 -0.85 -5.20
N LEU A 76 -7.96 -1.60 -5.44
CA LEU A 76 -7.90 -2.50 -6.60
C LEU A 76 -8.85 -3.69 -6.44
N ARG A 77 -9.65 -3.96 -7.47
CA ARG A 77 -10.58 -5.09 -7.46
C ARG A 77 -9.86 -6.43 -7.62
N LEU A 78 -10.32 -7.43 -6.86
CA LEU A 78 -9.96 -8.84 -7.09
C LEU A 78 -11.23 -9.57 -7.54
N TYR A 79 -11.20 -10.11 -8.76
CA TYR A 79 -12.39 -10.78 -9.32
C TYR A 79 -12.55 -12.25 -8.92
N GLY A 80 -11.44 -12.94 -8.69
CA GLY A 80 -11.51 -14.37 -8.38
C GLY A 80 -10.16 -15.07 -8.29
N TYR A 81 -10.18 -16.40 -8.19
CA TYR A 81 -8.95 -17.17 -8.08
C TYR A 81 -9.16 -18.59 -8.58
N PHE A 82 -8.07 -19.26 -8.93
CA PHE A 82 -8.09 -20.70 -9.17
C PHE A 82 -6.71 -21.28 -8.84
N HIS A 83 -6.59 -22.61 -8.84
CA HIS A 83 -5.29 -23.21 -8.59
C HIS A 83 -5.16 -24.61 -9.23
N ASP A 84 -3.92 -24.99 -9.53
CA ASP A 84 -3.63 -26.33 -10.00
C ASP A 84 -2.63 -26.94 -9.04
N ALA A 85 -1.94 -28.00 -9.45
CA ALA A 85 -1.13 -28.77 -8.50
C ALA A 85 0.09 -28.01 -7.97
N THR A 86 0.54 -26.99 -8.70
CA THR A 86 1.78 -26.31 -8.29
C THR A 86 1.62 -24.81 -8.01
N ARG A 87 0.51 -24.22 -8.43
CA ARG A 87 0.38 -22.77 -8.40
C ARG A 87 -1.01 -22.30 -7.99
N VAL A 88 -1.06 -21.10 -7.43
CA VAL A 88 -2.30 -20.40 -7.17
C VAL A 88 -2.32 -19.14 -8.06
N TYR A 89 -3.50 -18.81 -8.61
CA TYR A 89 -3.66 -17.68 -9.53
C TYR A 89 -4.73 -16.70 -9.02
N LEU A 90 -4.38 -15.45 -8.79
CA LEU A 90 -5.40 -14.45 -8.47
C LEU A 90 -5.77 -13.64 -9.72
N ILE A 91 -7.06 -13.47 -9.98
CA ILE A 91 -7.54 -12.65 -11.10
C ILE A 91 -7.81 -11.23 -10.62
N LEU A 92 -6.96 -10.29 -11.04
CA LEU A 92 -7.02 -8.90 -10.57
C LEU A 92 -7.41 -7.90 -11.67
N GLU A 93 -8.01 -6.79 -11.24
CA GLU A 93 -8.15 -5.61 -12.08
C GLU A 93 -6.76 -5.17 -12.55
N TYR A 94 -6.62 -4.90 -13.85
CA TYR A 94 -5.36 -4.40 -14.46
C TYR A 94 -5.21 -2.89 -14.25
N ALA A 95 -4.06 -2.47 -13.69
CA ALA A 95 -3.78 -1.03 -13.51
C ALA A 95 -2.83 -0.56 -14.60
N PRO A 96 -3.35 0.16 -15.59
CA PRO A 96 -2.53 0.36 -16.80
C PRO A 96 -1.45 1.46 -16.67
N LEU A 97 -1.46 2.29 -15.64
CA LEU A 97 -0.41 3.33 -15.55
C LEU A 97 0.68 2.95 -14.56
N GLY A 98 0.64 1.72 -14.06
CA GLY A 98 1.74 1.17 -13.28
C GLY A 98 1.74 1.57 -11.81
N THR A 99 2.92 1.58 -11.19
CA THR A 99 3.03 1.86 -9.74
C THR A 99 3.50 3.26 -9.42
N VAL A 100 3.09 3.76 -8.26
CA VAL A 100 3.62 5.02 -7.76
C VAL A 100 5.13 4.94 -7.56
N TYR A 101 5.61 3.76 -7.15
CA TYR A 101 7.05 3.51 -7.08
C TYR A 101 7.78 3.87 -8.39
N ARG A 102 7.32 3.32 -9.51
CA ARG A 102 7.92 3.63 -10.82
C ARG A 102 7.85 5.13 -11.14
N GLU A 103 6.71 5.75 -10.85
CA GLU A 103 6.49 7.17 -11.16
C GLU A 103 7.47 8.06 -10.38
N LEU A 104 7.72 7.66 -9.13
CA LEU A 104 8.69 8.37 -8.28
C LEU A 104 10.14 8.19 -8.78
N GLN A 105 10.49 7.01 -9.26
CA GLN A 105 11.82 6.81 -9.84
C GLN A 105 12.02 7.70 -11.06
N LYS A 106 10.95 7.87 -11.84
CA LYS A 106 10.97 8.67 -13.05
C LYS A 106 11.15 10.17 -12.77
N LEU A 107 10.40 10.68 -11.80
CA LEU A 107 10.33 12.13 -11.55
C LEU A 107 11.26 12.63 -10.44
N SER A 108 11.72 11.70 -9.59
CA SER A 108 12.57 11.99 -8.43
C SER A 108 11.76 12.50 -7.23
N LYS A 109 10.98 13.56 -7.43
CA LYS A 109 10.09 14.12 -6.40
C LYS A 109 8.77 14.53 -7.03
N PHE A 110 7.69 14.53 -6.25
CA PHE A 110 6.39 15.03 -6.71
C PHE A 110 6.19 16.48 -6.25
N ASP A 111 5.44 17.29 -6.99
CA ASP A 111 5.18 18.64 -6.53
C ASP A 111 4.05 18.60 -5.50
N GLU A 112 3.71 19.75 -4.91
CA GLU A 112 2.73 19.76 -3.83
C GLU A 112 1.31 19.36 -4.29
N GLN A 113 0.97 19.67 -5.54
CA GLN A 113 -0.37 19.34 -6.06
C GLN A 113 -0.53 17.84 -6.28
N ARG A 114 0.47 17.23 -6.89
CA ARG A 114 0.47 15.79 -7.09
C ARG A 114 0.47 15.05 -5.76
N THR A 115 1.29 15.50 -4.83
CA THR A 115 1.38 14.87 -3.52
C THR A 115 0.04 14.94 -2.77
N ALA A 116 -0.54 16.13 -2.68
CA ALA A 116 -1.78 16.33 -1.93
C ALA A 116 -2.96 15.55 -2.52
N THR A 117 -2.97 15.44 -3.85
CA THR A 117 -3.98 14.67 -4.55
C THR A 117 -3.87 13.18 -4.20
N TYR A 118 -2.66 12.60 -4.30
CA TYR A 118 -2.46 11.20 -3.91
C TYR A 118 -2.85 10.94 -2.45
N ILE A 119 -2.48 11.86 -1.56
CA ILE A 119 -2.78 11.69 -0.13
C ILE A 119 -4.29 11.72 0.10
N THR A 120 -5.01 12.58 -0.62
CA THR A 120 -6.47 12.62 -0.58
C THR A 120 -7.06 11.27 -0.99
N GLU A 121 -6.58 10.72 -2.10
CA GLU A 121 -7.10 9.45 -2.60
C GLU A 121 -6.79 8.30 -1.62
N LEU A 122 -5.57 8.29 -1.09
CA LEU A 122 -5.19 7.32 -0.05
C LEU A 122 -6.12 7.41 1.17
N ALA A 123 -6.38 8.63 1.62
CA ALA A 123 -7.17 8.82 2.84
C ALA A 123 -8.63 8.43 2.61
N ASN A 124 -9.14 8.69 1.42
CA ASN A 124 -10.48 8.25 1.05
C ASN A 124 -10.58 6.72 1.10
N ALA A 125 -9.63 6.04 0.48
CA ALA A 125 -9.64 4.58 0.46
C ALA A 125 -9.50 4.02 1.88
N LEU A 126 -8.60 4.59 2.66
CA LEU A 126 -8.34 4.10 4.01
C LEU A 126 -9.53 4.35 4.93
N SER A 127 -10.23 5.46 4.74
CA SER A 127 -11.40 5.74 5.54
C SER A 127 -12.47 4.67 5.32
N TYR A 128 -12.61 4.24 4.07
CA TYR A 128 -13.56 3.19 3.76
C TYR A 128 -13.13 1.87 4.43
N CYS A 129 -11.83 1.56 4.38
CA CYS A 129 -11.32 0.35 5.06
C CYS A 129 -11.52 0.40 6.57
N HIS A 130 -11.14 1.51 7.20
CA HIS A 130 -11.23 1.62 8.65
C HIS A 130 -12.67 1.59 9.15
N SER A 131 -13.61 1.99 8.29
CA SER A 131 -15.02 1.91 8.66
C SER A 131 -15.45 0.46 8.89
N LYS A 132 -14.65 -0.48 8.40
CA LYS A 132 -14.90 -1.91 8.63
C LYS A 132 -13.85 -2.51 9.57
N ARG A 133 -13.06 -1.64 10.18
CA ARG A 133 -11.97 -2.03 11.07
C ARG A 133 -10.97 -2.93 10.34
N VAL A 134 -10.81 -2.70 9.04
CA VAL A 134 -9.76 -3.35 8.26
C VAL A 134 -8.52 -2.46 8.19
N ILE A 135 -7.38 -2.94 8.70
CA ILE A 135 -6.15 -2.19 8.54
C ILE A 135 -5.25 -2.87 7.50
N HIS A 136 -4.55 -2.07 6.70
CA HIS A 136 -3.79 -2.61 5.57
C HIS A 136 -2.40 -3.06 6.03
N ARG A 137 -1.73 -2.19 6.79
CA ARG A 137 -0.43 -2.44 7.41
C ARG A 137 0.77 -2.54 6.45
N ASP A 138 0.56 -2.46 5.13
CA ASP A 138 1.68 -2.61 4.17
C ASP A 138 1.58 -1.59 3.04
N ILE A 139 1.15 -0.38 3.42
CA ILE A 139 1.06 0.76 2.53
C ILE A 139 2.44 1.28 2.12
N LYS A 140 2.88 0.97 0.92
CA LYS A 140 4.11 1.55 0.40
C LYS A 140 4.02 1.70 -1.12
N PRO A 141 4.94 2.47 -1.73
CA PRO A 141 4.78 2.84 -3.13
C PRO A 141 4.64 1.68 -4.11
N GLU A 142 5.26 0.54 -3.83
CA GLU A 142 5.22 -0.59 -4.78
C GLU A 142 3.84 -1.29 -4.75
N ASN A 143 3.04 -1.00 -3.72
CA ASN A 143 1.69 -1.54 -3.59
C ASN A 143 0.57 -0.52 -3.90
N LEU A 144 0.95 0.61 -4.49
CA LEU A 144 -0.02 1.64 -4.91
C LEU A 144 -0.04 1.74 -6.45
N LEU A 145 -1.16 1.41 -7.07
CA LEU A 145 -1.19 1.34 -8.54
C LEU A 145 -1.98 2.50 -9.12
N LEU A 146 -1.85 2.70 -10.43
CA LEU A 146 -2.49 3.86 -11.10
C LEU A 146 -3.46 3.41 -12.21
N GLY A 147 -4.68 3.91 -12.17
CA GLY A 147 -5.70 3.57 -13.14
C GLY A 147 -5.56 4.34 -14.43
N SER A 148 -6.50 4.12 -15.37
CA SER A 148 -6.42 4.69 -16.70
C SER A 148 -6.49 6.22 -16.71
N ALA A 149 -7.03 6.81 -15.64
CA ALA A 149 -7.08 8.27 -15.54
C ALA A 149 -6.07 8.80 -14.53
N GLY A 150 -5.12 7.96 -14.13
CA GLY A 150 -4.08 8.38 -13.21
C GLY A 150 -4.47 8.33 -11.75
N GLU A 151 -5.64 7.76 -11.46
CA GLU A 151 -6.12 7.68 -10.09
C GLU A 151 -5.42 6.58 -9.30
N LEU A 152 -5.16 6.85 -8.02
CA LEU A 152 -4.43 5.92 -7.17
C LEU A 152 -5.34 4.78 -6.64
N LYS A 153 -4.79 3.57 -6.58
CA LYS A 153 -5.52 2.39 -6.11
C LYS A 153 -4.65 1.55 -5.17
N ILE A 154 -5.10 1.33 -3.95
CA ILE A 154 -4.37 0.50 -3.00
C ILE A 154 -4.50 -0.99 -3.36
N ALA A 155 -3.37 -1.69 -3.37
CA ALA A 155 -3.35 -3.13 -3.69
C ALA A 155 -2.60 -3.96 -2.63
N ASP A 156 -2.48 -5.26 -2.89
CA ASP A 156 -1.66 -6.18 -2.04
C ASP A 156 -2.14 -6.22 -0.59
N PHE A 157 -3.36 -6.71 -0.37
CA PHE A 157 -3.94 -6.75 0.97
C PHE A 157 -3.53 -8.00 1.76
N GLY A 158 -2.45 -8.66 1.37
CA GLY A 158 -2.03 -9.88 2.06
C GLY A 158 -1.63 -9.75 3.52
N TRP A 159 -1.12 -8.56 3.89
CA TRP A 159 -0.76 -8.28 5.29
C TRP A 159 -1.91 -7.68 6.11
N SER A 160 -3.08 -7.51 5.51
CA SER A 160 -4.17 -6.84 6.23
C SER A 160 -4.81 -7.74 7.30
N VAL A 161 -5.50 -7.12 8.26
CA VAL A 161 -6.17 -7.82 9.36
C VAL A 161 -7.30 -6.98 9.93
N HIS A 162 -7.99 -7.51 10.94
CA HIS A 162 -8.99 -6.75 11.71
C HIS A 162 -8.43 -6.29 13.05
N ALA A 163 -8.61 -5.01 13.38
CA ALA A 163 -8.07 -4.45 14.62
C ALA A 163 -8.94 -4.74 15.84
N PRO A 164 -8.33 -4.77 17.05
CA PRO A 164 -6.88 -4.64 17.22
C PRO A 164 -6.17 -5.95 16.95
N SER A 165 -4.84 -5.92 16.84
CA SER A 165 -4.09 -7.09 16.43
C SER A 165 -2.69 -7.13 17.03
N SER A 166 -2.13 -8.33 17.08
CA SER A 166 -0.70 -8.53 17.32
C SER A 166 -0.10 -8.97 15.99
N ARG A 167 1.17 -9.35 15.97
CA ARG A 167 1.73 -9.91 14.74
C ARG A 167 2.24 -11.33 15.01
N ARG A 168 1.98 -12.23 14.08
CA ARG A 168 2.32 -13.64 14.26
C ARG A 168 3.22 -14.11 13.13
N THR A 169 3.35 -13.28 12.10
CA THR A 169 4.11 -13.61 10.92
C THR A 169 5.41 -12.83 10.87
N TPO A 170 6.48 -13.50 10.46
CA TPO A 170 7.81 -12.89 10.39
CB TPO A 170 8.84 -13.95 10.01
CG2 TPO A 170 10.18 -13.28 9.71
OG1 TPO A 170 8.97 -14.88 11.09
P TPO A 170 8.39 -16.33 10.67
O1P TPO A 170 6.79 -16.30 10.49
O2P TPO A 170 9.01 -16.76 9.40
O3P TPO A 170 8.74 -17.38 11.85
C TPO A 170 7.82 -11.72 9.41
O TPO A 170 7.27 -11.82 8.30
N LEU A 171 8.42 -10.60 9.83
CA LEU A 171 8.57 -9.43 8.94
C LEU A 171 9.45 -9.80 7.77
N ALA A 172 9.29 -9.09 6.65
CA ALA A 172 10.01 -9.44 5.44
C ALA A 172 11.20 -8.51 5.17
N GLY A 173 11.02 -7.59 4.23
CA GLY A 173 12.11 -6.74 3.77
C GLY A 173 12.32 -5.48 4.58
N THR A 174 11.99 -4.33 3.99
CA THR A 174 12.27 -3.03 4.61
C THR A 174 11.35 -2.69 5.78
N LEU A 175 11.91 -2.00 6.77
CA LEU A 175 11.14 -1.48 7.91
C LEU A 175 10.59 -0.08 7.63
N ASP A 176 10.89 0.49 6.47
CA ASP A 176 10.73 1.94 6.25
C ASP A 176 9.34 2.53 6.45
N TYR A 177 8.28 1.73 6.30
CA TYR A 177 6.92 2.28 6.35
C TYR A 177 6.15 1.89 7.63
N LEU A 178 6.80 1.12 8.52
CA LEU A 178 6.17 0.62 9.74
C LEU A 178 6.38 1.54 10.94
N PRO A 179 5.32 1.71 11.77
CA PRO A 179 5.37 2.53 13.00
C PRO A 179 6.10 1.84 14.15
N PRO A 180 6.43 2.58 15.21
CA PRO A 180 7.18 1.99 16.33
C PRO A 180 6.48 0.79 16.95
N GLU A 181 5.17 0.87 17.17
CA GLU A 181 4.44 -0.21 17.84
C GLU A 181 4.52 -1.51 17.06
N MET A 182 4.64 -1.37 15.74
CA MET A 182 4.64 -2.52 14.88
C MET A 182 6.01 -3.19 14.85
N ILE A 183 7.07 -2.39 14.78
CA ILE A 183 8.41 -2.96 14.73
C ILE A 183 8.86 -3.46 16.10
N GLU A 184 8.30 -2.88 17.15
CA GLU A 184 8.60 -3.28 18.53
C GLU A 184 7.72 -4.45 18.96
N GLY A 185 6.86 -4.91 18.04
CA GLY A 185 6.04 -6.10 18.26
C GLY A 185 4.89 -5.94 19.24
N ARG A 186 4.45 -4.71 19.45
CA ARG A 186 3.38 -4.44 20.42
C ARG A 186 2.00 -4.57 19.79
N MET A 187 0.97 -4.47 20.63
CA MET A 187 -0.40 -4.36 20.13
C MET A 187 -0.57 -3.14 19.22
N HIS A 188 -1.42 -3.25 18.19
CA HIS A 188 -1.62 -2.13 17.26
C HIS A 188 -3.03 -2.06 16.65
N ASP A 189 -3.36 -0.91 16.05
CA ASP A 189 -4.69 -0.73 15.47
C ASP A 189 -4.66 0.11 14.20
N GLU A 190 -5.79 0.73 13.87
CA GLU A 190 -5.94 1.55 12.64
C GLU A 190 -4.87 2.62 12.51
N LYS A 191 -4.35 3.09 13.65
CA LYS A 191 -3.40 4.20 13.62
C LYS A 191 -2.10 3.82 12.93
N VAL A 192 -1.88 2.52 12.70
CA VAL A 192 -0.68 2.12 11.98
C VAL A 192 -0.69 2.72 10.56
N ASP A 193 -1.86 2.70 9.91
CA ASP A 193 -1.96 3.24 8.56
C ASP A 193 -1.78 4.77 8.52
N LEU A 194 -2.14 5.45 9.60
CA LEU A 194 -1.93 6.91 9.62
C LEU A 194 -0.44 7.24 9.66
N TRP A 195 0.33 6.45 10.42
CA TRP A 195 1.79 6.61 10.40
C TRP A 195 2.32 6.43 8.98
N SER A 196 1.94 5.34 8.31
CA SER A 196 2.43 5.06 6.96
C SER A 196 2.09 6.21 6.00
N LEU A 197 0.93 6.80 6.21
CA LEU A 197 0.49 7.94 5.39
C LEU A 197 1.44 9.13 5.53
N GLY A 198 1.97 9.33 6.73
CA GLY A 198 2.93 10.41 6.95
C GLY A 198 4.26 10.10 6.31
N VAL A 199 4.67 8.83 6.39
CA VAL A 199 5.90 8.40 5.73
C VAL A 199 5.81 8.64 4.22
N LEU A 200 4.67 8.29 3.62
CA LEU A 200 4.44 8.51 2.19
C LEU A 200 4.45 9.99 1.77
N CYS A 201 3.77 10.82 2.54
CA CYS A 201 3.72 12.25 2.23
C CYS A 201 5.13 12.82 2.19
N TYR A 202 5.97 12.43 3.14
CA TYR A 202 7.37 12.87 3.15
C TYR A 202 8.11 12.33 1.92
N GLU A 203 7.99 11.03 1.65
CA GLU A 203 8.71 10.45 0.52
C GLU A 203 8.28 11.07 -0.81
N PHE A 204 6.99 11.37 -0.96
CA PHE A 204 6.50 11.99 -2.18
C PHE A 204 7.18 13.34 -2.43
N LEU A 205 7.27 14.17 -1.39
CA LEU A 205 7.85 15.53 -1.53
C LEU A 205 9.39 15.55 -1.61
N VAL A 206 10.04 14.63 -0.89
CA VAL A 206 11.50 14.67 -0.74
C VAL A 206 12.24 13.70 -1.68
N GLY A 207 11.62 12.56 -2.00
CA GLY A 207 12.26 11.59 -2.87
C GLY A 207 12.82 10.36 -2.17
N LYS A 208 12.84 10.40 -0.84
CA LYS A 208 13.19 9.23 -0.04
C LYS A 208 12.43 9.26 1.28
N PRO A 209 12.24 8.10 1.93
CA PRO A 209 11.46 8.07 3.17
C PRO A 209 12.26 8.64 4.34
N PRO A 210 11.57 9.15 5.36
CA PRO A 210 12.20 9.97 6.41
C PRO A 210 13.14 9.21 7.35
N PHE A 211 13.00 7.88 7.47
CA PHE A 211 13.84 7.12 8.40
C PHE A 211 14.85 6.22 7.68
N GLU A 212 15.01 6.44 6.38
CA GLU A 212 15.90 5.60 5.56
C GLU A 212 17.33 5.61 6.09
N ALA A 213 17.94 4.43 6.19
CA ALA A 213 19.33 4.33 6.63
C ALA A 213 20.06 3.15 5.97
N ASN A 214 21.36 3.07 6.22
CA ASN A 214 22.26 2.08 5.62
C ASN A 214 22.04 0.63 6.06
N THR A 215 21.50 0.48 7.26
CA THR A 215 21.32 -0.86 7.84
C THR A 215 19.94 -0.98 8.47
N TYR A 216 19.46 -2.22 8.56
CA TYR A 216 18.22 -2.56 9.25
C TYR A 216 18.25 -2.05 10.68
N GLN A 217 19.37 -2.33 11.35
CA GLN A 217 19.54 -1.95 12.74
C GLN A 217 19.44 -0.44 12.93
N GLU A 218 20.05 0.34 12.04
CA GLU A 218 19.98 1.79 12.15
C GLU A 218 18.58 2.31 11.82
N THR A 219 17.94 1.71 10.83
CA THR A 219 16.60 2.14 10.44
C THR A 219 15.64 1.91 11.61
N TYR A 220 15.79 0.76 12.28
CA TYR A 220 15.01 0.44 13.48
C TYR A 220 15.13 1.55 14.54
N LYS A 221 16.36 1.99 14.80
CA LYS A 221 16.59 3.04 15.79
C LYS A 221 15.94 4.36 15.41
N ARG A 222 16.10 4.77 14.15
CA ARG A 222 15.53 6.04 13.70
C ARG A 222 14.01 6.02 13.82
N ILE A 223 13.40 4.87 13.54
CA ILE A 223 11.94 4.77 13.65
C ILE A 223 11.48 4.81 15.11
N SER A 224 12.09 3.99 15.97
CA SER A 224 11.63 3.93 17.36
C SER A 224 11.85 5.25 18.09
N ARG A 225 12.83 6.06 17.64
CA ARG A 225 13.08 7.38 18.25
C ARG A 225 12.49 8.55 17.45
N VAL A 226 11.87 8.24 16.32
CA VAL A 226 11.22 9.22 15.45
C VAL A 226 12.21 10.34 15.05
N GLU A 227 13.33 9.93 14.47
CA GLU A 227 14.38 10.87 14.08
C GLU A 227 14.29 11.19 12.61
N PHE A 228 13.66 12.33 12.29
CA PHE A 228 13.65 12.81 10.91
C PHE A 228 13.85 14.32 10.90
N THR A 229 14.36 14.83 9.78
CA THR A 229 14.48 16.28 9.57
C THR A 229 14.01 16.62 8.14
N PHE A 230 13.70 17.89 7.91
CA PHE A 230 13.17 18.36 6.62
C PHE A 230 14.22 19.13 5.81
N PRO A 231 14.28 18.89 4.48
CA PRO A 231 15.05 19.82 3.64
C PRO A 231 14.35 21.19 3.53
N ASP A 232 15.10 22.23 3.17
CA ASP A 232 14.59 23.59 3.17
C ASP A 232 13.37 23.80 2.28
N PHE A 233 13.25 23.05 1.19
CA PHE A 233 12.17 23.30 0.24
C PHE A 233 10.80 22.82 0.72
N VAL A 234 10.74 21.99 1.77
CA VAL A 234 9.44 21.55 2.28
C VAL A 234 8.75 22.71 3.01
N THR A 235 7.54 23.05 2.59
CA THR A 235 6.82 24.22 3.11
C THR A 235 6.22 23.99 4.50
N GLU A 236 5.80 25.09 5.14
CA GLU A 236 5.30 25.04 6.51
C GLU A 236 4.06 24.17 6.65
N GLY A 237 3.18 24.22 5.64
CA GLY A 237 1.96 23.42 5.63
C GLY A 237 2.21 21.92 5.57
N ALA A 238 3.10 21.50 4.67
CA ALA A 238 3.49 20.10 4.56
C ALA A 238 4.16 19.61 5.85
N ARG A 239 5.02 20.46 6.45
CA ARG A 239 5.70 20.11 7.70
C ARG A 239 4.72 19.91 8.85
N ASP A 240 3.69 20.74 8.93
CA ASP A 240 2.68 20.58 9.96
C ASP A 240 1.95 19.23 9.83
N LEU A 241 1.49 18.91 8.62
CA LEU A 241 0.76 17.66 8.42
C LEU A 241 1.63 16.42 8.70
N ILE A 242 2.83 16.41 8.13
CA ILE A 242 3.75 15.28 8.36
C ILE A 242 4.09 15.12 9.86
N SER A 243 4.35 16.23 10.55
CA SER A 243 4.71 16.16 11.96
C SER A 243 3.56 15.62 12.82
N ARG A 244 2.32 15.90 12.41
CA ARG A 244 1.14 15.38 13.12
C ARG A 244 0.95 13.86 12.94
N LEU A 245 1.24 13.35 11.74
CA LEU A 245 1.09 11.92 11.46
C LEU A 245 2.21 11.07 12.07
N LEU A 246 3.43 11.60 12.11
CA LEU A 246 4.56 10.85 12.62
C LEU A 246 4.76 11.09 14.13
N LYS A 247 3.75 10.73 14.91
CA LYS A 247 3.87 10.80 16.37
C LYS A 247 4.10 9.40 16.93
N HIS A 248 4.97 9.31 17.92
CA HIS A 248 5.25 8.02 18.54
C HIS A 248 3.98 7.38 19.10
N ASN A 249 3.23 8.17 19.86
CA ASN A 249 2.00 7.70 20.50
C ASN A 249 0.86 7.69 19.49
N PRO A 250 0.35 6.48 19.18
CA PRO A 250 -0.68 6.33 18.13
C PRO A 250 -1.89 7.21 18.39
N SER A 251 -2.38 7.23 19.63
CA SER A 251 -3.57 8.01 19.96
C SER A 251 -3.40 9.51 19.68
N GLN A 252 -2.16 9.96 19.52
CA GLN A 252 -1.92 11.37 19.19
C GLN A 252 -1.96 11.66 17.69
N ARG A 253 -2.01 10.61 16.86
CA ARG A 253 -2.09 10.81 15.42
C ARG A 253 -3.53 11.19 15.05
N PRO A 254 -3.70 12.04 14.02
CA PRO A 254 -5.03 12.57 13.66
C PRO A 254 -5.98 11.55 13.04
N MET A 255 -7.27 11.88 13.07
CA MET A 255 -8.29 11.12 12.36
C MET A 255 -8.14 11.39 10.87
N LEU A 256 -8.62 10.47 10.04
CA LEU A 256 -8.52 10.66 8.58
C LEU A 256 -9.31 11.89 8.13
N ARG A 257 -10.45 12.16 8.77
CA ARG A 257 -11.22 13.38 8.45
C ARG A 257 -10.36 14.62 8.68
N GLU A 258 -9.45 14.57 9.65
CA GLU A 258 -8.62 15.72 9.97
C GLU A 258 -7.52 15.91 8.92
N VAL A 259 -7.03 14.79 8.36
CA VAL A 259 -6.12 14.85 7.22
C VAL A 259 -6.84 15.47 6.02
N LEU A 260 -8.05 14.97 5.76
CA LEU A 260 -8.83 15.39 4.59
C LEU A 260 -9.22 16.87 4.63
N GLU A 261 -9.28 17.45 5.82
CA GLU A 261 -9.63 18.86 5.94
C GLU A 261 -8.44 19.75 6.34
N HIS A 262 -7.24 19.17 6.41
CA HIS A 262 -6.05 19.95 6.73
C HIS A 262 -5.89 21.06 5.68
N PRO A 263 -5.55 22.28 6.11
CA PRO A 263 -5.49 23.42 5.16
C PRO A 263 -4.50 23.23 4.00
N TRP A 264 -3.43 22.48 4.21
CA TRP A 264 -2.46 22.28 3.14
C TRP A 264 -3.06 21.34 2.09
N ILE A 265 -3.77 20.32 2.55
CA ILE A 265 -4.45 19.39 1.63
C ILE A 265 -5.55 20.07 0.82
N THR A 266 -6.39 20.88 1.48
CA THR A 266 -7.48 21.51 0.75
C THR A 266 -6.98 22.58 -0.20
N ALA A 267 -5.86 23.21 0.15
CA ALA A 267 -5.29 24.22 -0.74
C ALA A 267 -4.67 23.61 -2.00
N ASN A 268 -4.13 22.39 -1.90
CA ASN A 268 -3.31 21.85 -2.98
C ASN A 268 -3.89 20.66 -3.76
N SER A 269 -4.87 19.94 -3.19
CA SER A 269 -5.40 18.74 -3.85
C SER A 269 -6.39 19.07 -4.96
N SER A 270 -6.40 18.27 -6.02
CA SER A 270 -7.34 18.49 -7.11
C SER A 270 -8.56 17.57 -7.04
N LYS A 271 -8.65 16.76 -5.99
CA LYS A 271 -9.78 15.85 -5.80
C LYS A 271 -10.46 16.09 -4.46
N PRO A 272 -11.76 15.79 -4.37
CA PRO A 272 -12.56 15.99 -3.15
C PRO A 272 -12.55 14.78 -2.20
N SER A 273 -13.27 14.90 -1.09
CA SER A 273 -13.36 13.83 -0.10
C SER A 273 -14.34 12.72 -0.52
PB ADP B . 3.42 -9.31 -3.55
O1B ADP B . 2.23 -9.79 -2.75
O2B ADP B . 4.38 -10.45 -3.84
O3B ADP B . 4.08 -8.00 -3.12
PA ADP B . 1.95 -7.67 -5.47
O1A ADP B . 0.48 -7.95 -5.59
O2A ADP B . 2.39 -6.48 -4.65
O3A ADP B . 2.80 -8.97 -5.03
O5' ADP B . 2.48 -7.41 -7.00
C5' ADP B . 3.87 -7.24 -7.26
C4' ADP B . 4.12 -6.17 -8.32
O4' ADP B . 3.48 -6.48 -9.57
C3' ADP B . 3.59 -4.80 -7.94
O3' ADP B . 4.53 -4.07 -7.15
C2' ADP B . 3.39 -4.16 -9.28
O2' ADP B . 4.69 -3.76 -9.75
C1' ADP B . 2.92 -5.31 -10.16
N9 ADP B . 1.44 -5.43 -10.15
C8 ADP B . 0.72 -6.14 -9.24
N7 ADP B . -0.61 -6.09 -9.50
C5 ADP B . -0.76 -5.33 -10.60
C6 ADP B . -1.92 -4.88 -11.40
N6 ADP B . -3.17 -5.25 -11.05
N1 ADP B . -1.67 -4.09 -12.48
C2 ADP B . -0.41 -3.73 -12.82
N3 ADP B . 0.69 -4.11 -12.14
C4 ADP B . 0.58 -4.89 -11.03
C1 GOL C . -8.37 -10.10 14.71
O1 GOL C . -8.12 -8.97 15.51
C2 GOL C . -7.07 -10.55 14.04
O2 GOL C . -5.96 -9.96 14.70
C3 GOL C . -7.09 -10.16 12.56
O3 GOL C . -8.09 -10.86 11.88
C1 GOL D . 15.48 6.11 -2.66
O1 GOL D . 15.63 6.56 -1.33
C2 GOL D . 14.76 4.77 -2.66
O2 GOL D . 14.14 4.55 -1.41
C3 GOL D . 13.71 4.77 -3.76
O3 GOL D . 13.02 3.54 -3.70
MG MG E . 3.46 -6.07 -2.90
MG MG F . 1.55 -9.87 -0.72
CL CL G . -3.22 -11.31 17.08
CL CL H . 0.36 -11.25 11.44
CL CL I . -12.04 10.02 10.12
CL CL J . -17.60 -10.99 -16.48
N1 JRT K . -9.51 -21.87 1.02
N3 JRT K . -7.10 -23.91 -0.85
C4 JRT K . -10.11 -19.92 1.88
C5 JRT K . -9.66 -20.52 0.71
C6 JRT K . -9.46 -19.81 -0.46
C7 JRT K . -9.71 -18.46 -0.43
C8 JRT K . -10.15 -17.83 0.74
C10 JRT K . -6.85 -23.72 -2.27
C13 JRT K . -4.82 -21.05 -1.10
C15 JRT K . -5.74 -18.86 -1.25
C17 JRT K . -6.52 -20.58 -2.71
O1 JRT K . -6.81 -22.35 0.76
C1 JRT K . -7.55 -23.00 0.02
C2 JRT K . -9.07 -22.88 0.10
C3 JRT K . -9.86 -22.01 2.32
N2 JRT K . -10.22 -20.88 2.88
C9 JRT K . -10.36 -18.54 1.90
C11 JRT K . -5.61 -22.92 -2.60
C12 JRT K . -5.65 -21.49 -2.12
C14 JRT K . -4.87 -19.74 -0.66
C16 JRT K . -6.57 -19.27 -2.27
H8 JRT K . -6.99 -24.73 -0.54
H4 JRT K . -9.16 -20.23 -1.24
H5 JRT K . -9.58 -17.94 -1.21
H6 JRT K . -10.32 -16.90 0.73
H9 JRT K . -7.62 -23.30 -2.67
H10 JRT K . -6.75 -24.61 -2.67
H13 JRT K . -4.22 -21.66 -0.69
H15 JRT K . -5.78 -17.95 -0.96
H17 JRT K . -7.08 -20.87 -3.41
H2 JRT K . -9.41 -22.67 -0.80
H1 JRT K . -9.45 -23.75 0.36
H3 JRT K . -9.84 -22.84 2.77
H7 JRT K . -10.66 -18.12 2.68
H11 JRT K . -5.50 -22.91 -3.58
H12 JRT K . -4.81 -23.36 -2.23
H14 JRT K . -4.30 -19.46 0.03
H16 JRT K . -7.16 -18.67 -2.67
#